data_6KBE
#
_entry.id   6KBE
#
_cell.length_a   56.303
_cell.length_b   58.763
_cell.length_c   110.496
_cell.angle_alpha   90.00
_cell.angle_beta   90.00
_cell.angle_gamma   90.00
#
_symmetry.space_group_name_H-M   'P 21 21 21'
#
loop_
_entity.id
_entity.type
_entity.pdbx_description
1 polymer 'Ubiquitin thioesterase'
2 polymer Polyubiquitin-C
3 water water
#
loop_
_entity_poly.entity_id
_entity_poly.type
_entity_poly.pdbx_seq_one_letter_code
_entity_poly.pdbx_strand_id
1 'polypeptide(L)'
;GSKLPYVGDKEPLSTLAAEFQSGSPILQEKIKLLGEQYDALRRTRGDGNCFYRSFMFSYLEHILETQDKAEVERILKKIE
QCKKTLADLGYIEFTFEDFFSIFIDQLESVLQGHESSIGAEELLERTRDQMVSDYVVMFFRFVTSGEIQRRAEFFEPFIS
GLTNSTVVQFCKASVEPMGEESDHVHIIALSDALGVPIRVMYLDRSSCDAGNISVNHHDFSPEANSSDGAAAAEKPYITL
LYRPGHYDILYPK
;
B
2 'polypeptide(L)'
;MQIFVKTLTGKTITLEVEPSDTIENVKAKIQDKEGIPPDQQRLIFAGKQLEDGRTLSDYNIQKESTLHLVLRLRG(DAL)
MQIFVKTLTGKTITLEVEPSDTIENVKAKIQDKEGIPPDQQRLIFAGKQLEDGRTLSDYNIQKESTLHLVLRLRGG
;
G
#
# COMPACT_ATOMS: atom_id res chain seq x y z
N LEU A 4 -11.99 5.50 14.06
CA LEU A 4 -11.85 4.11 13.67
C LEU A 4 -12.94 3.45 12.77
N PRO A 5 -13.88 4.20 12.16
CA PRO A 5 -14.81 3.54 11.23
C PRO A 5 -14.03 2.98 10.06
N TYR A 6 -14.26 1.68 9.78
CA TYR A 6 -13.58 0.95 8.73
C TYR A 6 -13.44 1.75 7.43
N VAL A 7 -14.44 2.57 7.12
CA VAL A 7 -14.47 3.42 5.94
C VAL A 7 -15.20 4.70 6.29
N GLY A 8 -14.59 5.85 5.98
CA GLY A 8 -15.13 7.12 6.41
C GLY A 8 -16.07 7.78 5.40
N ASP A 9 -16.81 8.77 5.89
CA ASP A 9 -17.58 9.61 4.99
C ASP A 9 -16.66 10.27 3.95
N LYS A 10 -17.26 10.67 2.84
CA LYS A 10 -16.54 11.49 1.88
C LYS A 10 -16.11 12.79 2.52
N GLU A 11 -14.83 13.09 2.48
CA GLU A 11 -14.36 14.40 2.88
C GLU A 11 -13.76 15.12 1.69
N PRO A 12 -13.81 16.45 1.66
CA PRO A 12 -13.00 17.19 0.69
C PRO A 12 -11.51 17.05 0.98
N LEU A 13 -10.72 17.40 -0.02
CA LEU A 13 -9.27 17.30 0.12
C LEU A 13 -8.71 18.31 1.11
N SER A 14 -9.53 19.24 1.58
CA SER A 14 -9.07 20.24 2.53
C SER A 14 -8.64 19.61 3.84
N THR A 15 -9.19 18.43 4.19
CA THR A 15 -8.81 17.80 5.45
C THR A 15 -7.43 17.14 5.33
N LEU A 16 -7.17 16.54 4.18
CA LEU A 16 -5.81 16.16 3.84
C LEU A 16 -4.88 17.35 3.93
N ALA A 17 -5.23 18.46 3.29
CA ALA A 17 -4.33 19.60 3.28
C ALA A 17 -4.14 20.21 4.68
N ALA A 18 -5.17 20.12 5.55
CA ALA A 18 -4.99 20.56 6.93
C ALA A 18 -3.98 19.68 7.69
N GLU A 19 -3.94 18.37 7.42
CA GLU A 19 -2.91 17.56 8.09
C GLU A 19 -1.48 18.08 7.84
N PHE A 20 -1.20 18.67 6.66
CA PHE A 20 0.15 19.10 6.31
C PHE A 20 0.31 20.63 6.29
N GLN A 21 -0.72 21.37 6.70
CA GLN A 21 -0.72 22.83 6.60
C GLN A 21 0.48 23.46 7.31
N SER A 22 0.81 22.98 8.51
CA SER A 22 1.91 23.56 9.28
C SER A 22 3.25 22.87 9.00
N GLY A 23 3.30 21.96 8.03
CA GLY A 23 4.49 21.16 7.80
C GLY A 23 5.12 21.33 6.43
N SER A 24 5.36 20.21 5.74
CA SER A 24 6.29 20.21 4.61
C SER A 24 5.69 20.92 3.40
N PRO A 25 6.42 21.88 2.81
CA PRO A 25 5.96 22.56 1.58
C PRO A 25 5.79 21.63 0.40
N ILE A 26 6.68 20.64 0.26
CA ILE A 26 6.56 19.64 -0.80
C ILE A 26 5.20 18.96 -0.72
N LEU A 27 4.79 18.56 0.49
CA LEU A 27 3.51 17.87 0.62
C LEU A 27 2.37 18.84 0.41
N GLN A 28 2.50 20.07 0.90
CA GLN A 28 1.41 21.03 0.67
C GLN A 28 1.18 21.23 -0.81
N GLU A 29 2.27 21.26 -1.58
CA GLU A 29 2.16 21.47 -3.00
C GLU A 29 1.60 20.22 -3.69
N LYS A 30 2.11 19.05 -3.32
CA LYS A 30 1.59 17.82 -3.93
C LYS A 30 0.09 17.67 -3.71
N ILE A 31 -0.40 18.09 -2.53
CA ILE A 31 -1.84 18.01 -2.23
C ILE A 31 -2.62 19.07 -3.01
N LYS A 32 -2.04 20.27 -3.16
CA LYS A 32 -2.63 21.26 -4.07
C LYS A 32 -2.84 20.63 -5.45
N LEU A 33 -1.77 20.04 -6.00
CA LEU A 33 -1.80 19.42 -7.32
C LEU A 33 -2.77 18.24 -7.38
N LEU A 34 -2.88 17.49 -6.28
CA LEU A 34 -3.83 16.38 -6.24
C LEU A 34 -5.26 16.90 -6.30
N GLY A 35 -5.50 18.08 -5.73
CA GLY A 35 -6.81 18.71 -5.82
C GLY A 35 -7.28 19.03 -7.23
N GLU A 36 -6.35 19.21 -8.17
CA GLU A 36 -6.73 19.53 -9.54
C GLU A 36 -7.32 18.32 -10.27
N GLN A 37 -7.14 17.13 -9.74
CA GLN A 37 -7.68 15.92 -10.35
C GLN A 37 -8.68 15.20 -9.47
N TYR A 38 -8.58 15.34 -8.15
CA TYR A 38 -9.45 14.62 -7.21
C TYR A 38 -10.21 15.58 -6.29
N ASP A 39 -11.53 15.36 -6.21
CA ASP A 39 -12.49 16.13 -5.41
C ASP A 39 -12.43 15.78 -3.93
N ALA A 40 -12.36 14.48 -3.63
CA ALA A 40 -12.67 13.99 -2.31
C ALA A 40 -11.84 12.75 -2.00
N LEU A 41 -11.81 12.42 -0.71
CA LEU A 41 -11.18 11.20 -0.25
C LEU A 41 -12.10 10.54 0.77
N ARG A 42 -11.94 9.21 0.91
CA ARG A 42 -12.56 8.46 1.99
C ARG A 42 -11.46 7.84 2.80
N ARG A 43 -11.27 8.31 4.03
CA ARG A 43 -10.23 7.72 4.85
C ARG A 43 -10.61 6.30 5.22
N THR A 44 -9.67 5.39 5.12
CA THR A 44 -9.95 4.06 5.62
C THR A 44 -9.12 3.79 6.85
N ARG A 45 -9.67 2.96 7.74
CA ARG A 45 -9.02 2.72 9.02
C ARG A 45 -7.65 2.08 8.79
N GLY A 46 -6.66 2.54 9.54
CA GLY A 46 -5.29 2.12 9.32
C GLY A 46 -4.88 0.84 10.00
N ASP A 47 -5.66 -0.22 9.83
CA ASP A 47 -5.24 -1.54 10.29
C ASP A 47 -4.58 -2.28 9.15
N GLY A 48 -4.22 -3.52 9.38
CA GLY A 48 -3.47 -4.23 8.34
C GLY A 48 -4.19 -4.36 7.01
N ASN A 49 -5.51 -4.12 6.97
CA ASN A 49 -6.31 -4.43 5.79
C ASN A 49 -6.69 -3.21 4.97
N CYS A 50 -6.09 -2.04 5.27
CA CYS A 50 -6.52 -0.79 4.66
C CYS A 50 -6.53 -0.87 3.14
N PHE A 51 -5.55 -1.54 2.53
CA PHE A 51 -5.60 -1.65 1.06
C PHE A 51 -6.77 -2.51 0.62
N TYR A 52 -6.97 -3.65 1.29
CA TYR A 52 -8.07 -4.53 0.94
C TYR A 52 -9.41 -3.87 1.24
N ARG A 53 -9.50 -3.11 2.34
CA ARG A 53 -10.77 -2.48 2.66
C ARG A 53 -11.07 -1.35 1.66
N SER A 54 -10.04 -0.58 1.30
CA SER A 54 -10.19 0.47 0.29
C SER A 54 -10.69 -0.12 -0.99
N PHE A 55 -10.06 -1.21 -1.43
CA PHE A 55 -10.42 -1.86 -2.69
C PHE A 55 -11.87 -2.35 -2.65
N MET A 56 -12.20 -3.19 -1.64
CA MET A 56 -13.56 -3.63 -1.40
C MET A 56 -14.58 -2.51 -1.64
N PHE A 57 -14.47 -1.44 -0.85
CA PHE A 57 -15.49 -0.40 -0.92
C PHE A 57 -15.42 0.36 -2.24
N SER A 58 -14.23 0.63 -2.78
CA SER A 58 -14.14 1.39 -4.03
C SER A 58 -14.79 0.63 -5.17
N TYR A 59 -14.56 -0.68 -5.23
CA TYR A 59 -15.13 -1.49 -6.28
C TYR A 59 -16.65 -1.63 -6.11
N LEU A 60 -17.11 -1.92 -4.88
CA LEU A 60 -18.54 -2.08 -4.72
C LEU A 60 -19.26 -0.77 -4.97
N GLU A 61 -18.68 0.35 -4.52
CA GLU A 61 -19.24 1.66 -4.87
C GLU A 61 -19.21 1.92 -6.36
N HIS A 62 -18.21 1.40 -7.06
CA HIS A 62 -18.18 1.55 -8.51
C HIS A 62 -19.35 0.81 -9.17
N ILE A 63 -19.60 -0.42 -8.74
CA ILE A 63 -20.73 -1.18 -9.29
C ILE A 63 -22.06 -0.58 -8.86
N LEU A 64 -22.13 -0.04 -7.65
CA LEU A 64 -23.34 0.65 -7.22
C LEU A 64 -23.62 1.84 -8.15
N GLU A 65 -22.61 2.67 -8.37
CA GLU A 65 -22.83 3.91 -9.12
C GLU A 65 -22.96 3.69 -10.62
N THR A 66 -22.29 2.69 -11.18
CA THR A 66 -22.25 2.44 -12.63
C THR A 66 -23.37 1.53 -13.12
N GLN A 67 -23.90 0.65 -12.26
CA GLN A 67 -24.81 -0.44 -12.62
C GLN A 67 -24.27 -1.28 -13.78
N ASP A 68 -22.95 -1.49 -13.76
CA ASP A 68 -22.23 -2.18 -14.85
C ASP A 68 -22.44 -3.68 -14.70
N LYS A 69 -23.60 -4.16 -15.18
CA LYS A 69 -23.90 -5.60 -15.18
C LYS A 69 -22.84 -6.40 -15.95
N ALA A 70 -22.22 -5.81 -16.97
CA ALA A 70 -21.25 -6.57 -17.76
C ALA A 70 -19.95 -6.73 -16.98
N GLU A 71 -19.54 -5.68 -16.28
CA GLU A 71 -18.41 -5.82 -15.37
C GLU A 71 -18.68 -6.89 -14.31
N VAL A 72 -19.91 -6.96 -13.80
CA VAL A 72 -20.24 -7.95 -12.78
C VAL A 72 -20.13 -9.37 -13.34
N GLU A 73 -20.71 -9.61 -14.54
CA GLU A 73 -20.58 -10.93 -15.17
C GLU A 73 -19.12 -11.33 -15.33
N ARG A 74 -18.34 -10.44 -15.95
CA ARG A 74 -16.92 -10.64 -16.18
C ARG A 74 -16.19 -10.99 -14.88
N ILE A 75 -16.43 -10.22 -13.82
CA ILE A 75 -15.66 -10.50 -12.62
C ILE A 75 -16.12 -11.81 -11.97
N LEU A 76 -17.39 -12.19 -12.16
CA LEU A 76 -17.84 -13.47 -11.62
C LEU A 76 -17.14 -14.63 -12.30
N LYS A 77 -16.86 -14.50 -13.61
CA LYS A 77 -16.03 -15.52 -14.27
C LYS A 77 -14.64 -15.59 -13.64
N LYS A 78 -14.00 -14.44 -13.47
CA LYS A 78 -12.67 -14.43 -12.82
C LYS A 78 -12.72 -15.08 -11.43
N ILE A 79 -13.83 -14.86 -10.70
CA ILE A 79 -13.97 -15.41 -9.36
C ILE A 79 -14.14 -16.94 -9.41
N GLU A 80 -14.88 -17.44 -10.40
CA GLU A 80 -14.94 -18.89 -10.60
C GLU A 80 -13.54 -19.48 -10.85
N GLN A 81 -12.80 -18.89 -11.78
CA GLN A 81 -11.46 -19.42 -12.07
C GLN A 81 -10.59 -19.40 -10.82
N CYS A 82 -10.74 -18.37 -9.99
CA CYS A 82 -10.02 -18.35 -8.72
C CYS A 82 -10.45 -19.50 -7.82
N LYS A 83 -11.77 -19.72 -7.70
CA LYS A 83 -12.31 -20.83 -6.92
C LYS A 83 -11.62 -22.13 -7.32
N LYS A 84 -11.51 -22.32 -8.64
CA LYS A 84 -10.86 -23.50 -9.20
C LYS A 84 -9.38 -23.57 -8.82
N THR A 85 -8.64 -22.45 -8.88
CA THR A 85 -7.21 -22.58 -8.60
C THR A 85 -6.96 -22.86 -7.11
N LEU A 86 -7.77 -22.27 -6.23
CA LEU A 86 -7.66 -22.65 -4.82
C LEU A 86 -8.01 -24.12 -4.62
N ALA A 87 -8.95 -24.65 -5.41
CA ALA A 87 -9.23 -26.09 -5.36
C ALA A 87 -8.00 -26.90 -5.76
N ASP A 88 -7.38 -26.57 -6.88
CA ASP A 88 -6.24 -27.35 -7.37
C ASP A 88 -5.03 -27.27 -6.46
N LEU A 89 -5.05 -26.39 -5.46
CA LEU A 89 -3.92 -26.16 -4.58
C LEU A 89 -4.08 -26.83 -3.22
N GLY A 90 -5.11 -27.66 -3.06
CA GLY A 90 -5.30 -28.40 -1.83
C GLY A 90 -6.13 -27.70 -0.79
N TYR A 91 -6.54 -26.45 -1.03
CA TYR A 91 -7.45 -25.79 -0.13
C TYR A 91 -8.79 -26.51 -0.13
N ILE A 92 -9.28 -26.83 1.06
CA ILE A 92 -10.60 -27.41 1.20
C ILE A 92 -11.62 -26.29 1.13
N GLU A 93 -12.74 -26.55 0.47
CA GLU A 93 -13.74 -25.54 0.24
C GLU A 93 -14.15 -24.85 1.54
N PHE A 94 -14.27 -25.61 2.63
CA PHE A 94 -14.77 -24.98 3.85
C PHE A 94 -13.83 -23.90 4.42
N THR A 95 -12.69 -23.68 3.76
CA THR A 95 -11.67 -22.75 4.20
C THR A 95 -11.75 -21.41 3.47
N PHE A 96 -12.41 -21.35 2.32
CA PHE A 96 -12.52 -20.13 1.53
C PHE A 96 -13.90 -19.90 0.92
N GLU A 97 -14.67 -20.95 0.65
CA GLU A 97 -15.89 -20.77 -0.14
C GLU A 97 -16.95 -19.97 0.61
N ASP A 98 -16.89 -19.89 1.95
CA ASP A 98 -17.79 -18.99 2.68
C ASP A 98 -17.47 -17.54 2.36
N PHE A 99 -16.18 -17.24 2.22
CA PHE A 99 -15.77 -15.88 1.88
C PHE A 99 -16.22 -15.54 0.45
N PHE A 100 -16.10 -16.51 -0.45
CA PHE A 100 -16.57 -16.32 -1.82
C PHE A 100 -18.06 -16.04 -1.86
N SER A 101 -18.84 -16.78 -1.05
CA SER A 101 -20.28 -16.59 -1.05
C SER A 101 -20.65 -15.21 -0.50
N ILE A 102 -20.02 -14.79 0.60
CA ILE A 102 -20.35 -13.47 1.13
C ILE A 102 -20.07 -12.40 0.08
N PHE A 103 -18.91 -12.48 -0.59
CA PHE A 103 -18.63 -11.40 -1.53
C PHE A 103 -19.59 -11.43 -2.72
N ILE A 104 -19.78 -12.62 -3.33
CA ILE A 104 -20.68 -12.68 -4.46
C ILE A 104 -22.03 -12.07 -4.09
N ASP A 105 -22.49 -12.32 -2.85
CA ASP A 105 -23.79 -11.79 -2.46
C ASP A 105 -23.76 -10.28 -2.32
N GLN A 106 -22.67 -9.72 -1.78
CA GLN A 106 -22.52 -8.25 -1.76
C GLN A 106 -22.62 -7.68 -3.17
N LEU A 107 -21.90 -8.30 -4.11
CA LEU A 107 -21.86 -7.84 -5.48
C LEU A 107 -23.25 -7.79 -6.08
N GLU A 108 -24.03 -8.85 -5.89
CA GLU A 108 -25.38 -8.84 -6.44
C GLU A 108 -26.29 -7.88 -5.68
N SER A 109 -26.05 -7.66 -4.38
CA SER A 109 -26.89 -6.73 -3.63
C SER A 109 -26.71 -5.29 -4.11
N VAL A 110 -25.52 -4.98 -4.62
CA VAL A 110 -25.28 -3.64 -5.11
C VAL A 110 -25.92 -3.43 -6.49
N LEU A 111 -26.26 -4.49 -7.22
CA LEU A 111 -27.04 -4.31 -8.45
C LEU A 111 -28.49 -3.98 -8.08
N GLN A 112 -29.00 -2.85 -8.61
CA GLN A 112 -30.38 -2.46 -8.36
C GLN A 112 -31.35 -3.29 -9.22
N GLY A 113 -32.62 -3.24 -8.83
CA GLY A 113 -33.67 -3.91 -9.58
C GLY A 113 -34.51 -4.91 -8.80
N HIS A 114 -33.90 -5.68 -7.90
CA HIS A 114 -34.58 -6.80 -7.25
C HIS A 114 -34.68 -6.56 -5.73
N GLU A 115 -34.65 -7.66 -4.94
CA GLU A 115 -35.08 -7.65 -3.54
C GLU A 115 -33.99 -7.18 -2.59
N SER A 116 -32.88 -7.93 -2.54
CA SER A 116 -31.74 -7.53 -1.72
C SER A 116 -31.42 -6.04 -1.91
N SER A 117 -31.36 -5.61 -3.17
CA SER A 117 -30.86 -4.31 -3.65
C SER A 117 -30.67 -3.25 -2.57
N ILE A 118 -29.42 -2.85 -2.38
CA ILE A 118 -29.06 -1.89 -1.34
C ILE A 118 -28.59 -0.59 -1.98
N GLY A 119 -28.68 0.49 -1.20
CA GLY A 119 -28.23 1.80 -1.62
C GLY A 119 -26.94 2.19 -0.89
N ALA A 120 -26.47 3.39 -1.24
CA ALA A 120 -25.15 3.81 -0.77
C ALA A 120 -25.00 3.65 0.75
N GLU A 121 -26.06 3.94 1.51
CA GLU A 121 -25.98 3.96 2.96
C GLU A 121 -25.87 2.57 3.57
N GLU A 122 -26.68 1.62 3.08
CA GLU A 122 -26.55 0.27 3.60
C GLU A 122 -25.22 -0.36 3.18
N LEU A 123 -24.71 -0.04 1.99
CA LEU A 123 -23.38 -0.48 1.62
C LEU A 123 -22.33 0.10 2.56
N LEU A 124 -22.50 1.38 2.93
CA LEU A 124 -21.56 1.99 3.86
C LEU A 124 -21.58 1.30 5.22
N GLU A 125 -22.77 1.08 5.79
CA GLU A 125 -22.82 0.40 7.08
C GLU A 125 -22.36 -1.05 6.98
N ARG A 126 -22.61 -1.70 5.83
CA ARG A 126 -22.11 -3.05 5.67
C ARG A 126 -20.60 -3.08 5.64
N THR A 127 -19.97 -2.16 4.90
CA THR A 127 -18.50 -2.17 4.91
C THR A 127 -17.94 -1.53 6.17
N ARG A 128 -18.78 -0.88 6.97
CA ARG A 128 -18.43 -0.33 8.28
C ARG A 128 -18.73 -1.28 9.42
N ASP A 129 -19.21 -2.47 9.11
CA ASP A 129 -19.58 -3.48 10.10
C ASP A 129 -18.56 -4.62 10.01
N GLN A 130 -17.86 -4.85 11.12
CA GLN A 130 -16.84 -5.89 11.19
C GLN A 130 -17.28 -7.22 10.56
N MET A 131 -18.48 -7.68 10.90
CA MET A 131 -18.93 -8.98 10.46
C MET A 131 -19.52 -8.97 9.05
N VAL A 132 -18.98 -8.16 8.15
CA VAL A 132 -19.25 -8.31 6.72
C VAL A 132 -17.95 -7.88 6.04
N SER A 133 -17.50 -6.67 6.39
CA SER A 133 -16.22 -6.16 5.91
C SER A 133 -15.10 -7.18 6.06
N ASP A 134 -14.99 -7.82 7.23
CA ASP A 134 -13.88 -8.74 7.47
C ASP A 134 -13.92 -9.94 6.55
N TYR A 135 -15.11 -10.49 6.37
CA TYR A 135 -15.29 -11.62 5.47
C TYR A 135 -14.89 -11.24 4.05
N VAL A 136 -15.16 -9.99 3.66
CA VAL A 136 -14.83 -9.61 2.30
C VAL A 136 -13.34 -9.37 2.16
N VAL A 137 -12.72 -8.77 3.18
CA VAL A 137 -11.27 -8.68 3.21
C VAL A 137 -10.67 -10.07 3.01
N MET A 138 -11.12 -11.04 3.81
CA MET A 138 -10.63 -12.42 3.71
C MET A 138 -10.82 -12.99 2.30
N PHE A 139 -11.99 -12.79 1.71
CA PHE A 139 -12.17 -13.22 0.32
C PHE A 139 -11.05 -12.68 -0.56
N PHE A 140 -10.77 -11.37 -0.44
CA PHE A 140 -9.73 -10.79 -1.30
C PHE A 140 -8.35 -11.35 -0.98
N ARG A 141 -8.06 -11.65 0.29
CA ARG A 141 -6.79 -12.26 0.66
C ARG A 141 -6.66 -13.64 0.06
N PHE A 142 -7.74 -14.42 0.04
CA PHE A 142 -7.65 -15.75 -0.56
C PHE A 142 -7.50 -15.70 -2.07
N VAL A 143 -8.19 -14.76 -2.73
CA VAL A 143 -7.95 -14.59 -4.16
C VAL A 143 -6.48 -14.19 -4.40
N THR A 144 -5.93 -13.35 -3.53
CA THR A 144 -4.55 -12.95 -3.69
C THR A 144 -3.59 -14.14 -3.52
N SER A 145 -3.78 -14.90 -2.43
CA SER A 145 -2.99 -16.11 -2.19
C SER A 145 -3.05 -17.06 -3.38
N GLY A 146 -4.27 -17.34 -3.87
CA GLY A 146 -4.41 -18.21 -5.02
C GLY A 146 -3.57 -17.72 -6.18
N GLU A 147 -3.64 -16.42 -6.47
CA GLU A 147 -2.96 -15.91 -7.65
C GLU A 147 -1.45 -15.94 -7.49
N ILE A 148 -0.94 -15.78 -6.27
CA ILE A 148 0.51 -15.81 -6.07
C ILE A 148 1.04 -17.23 -6.20
N GLN A 149 0.36 -18.20 -5.56
CA GLN A 149 0.79 -19.59 -5.67
C GLN A 149 0.62 -20.15 -7.08
N ARG A 150 -0.46 -19.74 -7.78
CA ARG A 150 -0.61 -20.13 -9.18
C ARG A 150 0.61 -19.69 -9.99
N ARG A 151 1.26 -18.59 -9.60
CA ARG A 151 2.42 -18.06 -10.31
C ARG A 151 3.65 -18.03 -9.42
N ALA A 152 3.86 -19.09 -8.63
CA ALA A 152 4.95 -19.09 -7.65
C ALA A 152 6.29 -18.78 -8.30
N GLU A 153 6.47 -19.19 -9.55
CA GLU A 153 7.77 -19.08 -10.20
C GLU A 153 8.09 -17.64 -10.58
N PHE A 154 7.08 -16.87 -11.01
CA PHE A 154 7.30 -15.47 -11.35
C PHE A 154 7.53 -14.61 -10.11
N PHE A 155 6.74 -14.84 -9.05
CA PHE A 155 6.81 -14.04 -7.82
C PHE A 155 7.94 -14.43 -6.87
N GLU A 156 8.53 -15.62 -7.02
CA GLU A 156 9.51 -16.07 -6.03
C GLU A 156 10.68 -15.09 -5.84
N PRO A 157 11.36 -14.60 -6.88
CA PRO A 157 12.50 -13.73 -6.60
C PRO A 157 12.10 -12.45 -5.86
N PHE A 158 10.89 -11.94 -6.05
CA PHE A 158 10.51 -10.74 -5.32
C PHE A 158 10.16 -11.05 -3.87
N ILE A 159 9.52 -12.20 -3.64
CA ILE A 159 9.06 -12.57 -2.29
C ILE A 159 10.23 -12.96 -1.40
N SER A 160 11.19 -13.70 -1.96
CA SER A 160 12.37 -14.12 -1.21
C SER A 160 13.16 -12.92 -0.68
N GLY A 161 13.21 -11.84 -1.48
CA GLY A 161 13.84 -10.61 -1.03
C GLY A 161 12.98 -9.78 -0.10
N LEU A 162 11.66 -9.81 -0.28
CA LEU A 162 10.79 -9.09 0.66
C LEU A 162 10.87 -9.68 2.06
N THR A 163 10.88 -11.01 2.18
CA THR A 163 10.63 -11.61 3.48
C THR A 163 11.70 -12.58 3.96
N ASN A 164 12.34 -13.32 3.05
CA ASN A 164 13.15 -14.52 3.28
C ASN A 164 12.27 -15.77 3.35
N SER A 165 10.99 -15.64 2.97
CA SER A 165 10.04 -16.73 2.93
C SER A 165 10.07 -17.42 1.57
N THR A 166 9.42 -18.58 1.52
CA THR A 166 8.99 -19.19 0.28
C THR A 166 7.65 -18.58 -0.14
N VAL A 167 7.34 -18.68 -1.44
CA VAL A 167 6.04 -18.25 -1.93
C VAL A 167 4.91 -18.84 -1.09
N VAL A 168 4.99 -20.14 -0.80
CA VAL A 168 3.97 -20.81 0.03
C VAL A 168 3.97 -20.23 1.44
N GLN A 169 5.16 -20.13 2.05
CA GLN A 169 5.30 -19.43 3.32
C GLN A 169 4.62 -18.06 3.26
N PHE A 170 5.11 -17.19 2.38
CA PHE A 170 4.52 -15.87 2.14
C PHE A 170 2.99 -15.89 2.13
N CYS A 171 2.42 -16.73 1.26
CA CYS A 171 0.98 -16.84 1.14
C CYS A 171 0.32 -17.12 2.48
N LYS A 172 0.89 -18.04 3.25
CA LYS A 172 0.23 -18.44 4.48
C LYS A 172 0.47 -17.45 5.62
N ALA A 173 1.61 -16.78 5.64
CA ALA A 173 1.93 -15.90 6.75
C ALA A 173 1.69 -14.43 6.45
N SER A 174 1.83 -14.02 5.19
CA SER A 174 1.72 -12.61 4.83
C SER A 174 0.44 -12.24 4.10
N VAL A 175 -0.13 -13.13 3.29
CA VAL A 175 -1.31 -12.79 2.50
C VAL A 175 -2.59 -13.23 3.18
N GLU A 176 -2.69 -14.52 3.54
CA GLU A 176 -3.96 -15.08 3.99
C GLU A 176 -4.46 -14.50 5.32
N PRO A 177 -3.63 -14.35 6.35
CA PRO A 177 -4.20 -13.97 7.65
C PRO A 177 -4.74 -12.54 7.65
N MET A 178 -5.89 -12.36 8.32
CA MET A 178 -6.38 -11.03 8.68
C MET A 178 -5.27 -10.19 9.30
N GLY A 179 -5.25 -8.91 8.94
CA GLY A 179 -4.34 -7.93 9.51
C GLY A 179 -2.94 -7.89 8.91
N GLU A 180 -2.52 -8.94 8.22
CA GLU A 180 -1.18 -9.00 7.65
C GLU A 180 -1.05 -7.97 6.53
N GLU A 181 -0.16 -7.01 6.74
CA GLU A 181 -0.06 -5.90 5.80
C GLU A 181 0.26 -6.40 4.41
N SER A 182 -0.27 -5.69 3.42
CA SER A 182 -0.07 -6.03 2.02
C SER A 182 1.00 -5.12 1.42
N ASP A 183 1.57 -5.57 0.31
CA ASP A 183 2.56 -4.77 -0.42
C ASP A 183 2.34 -4.98 -1.92
N HIS A 184 3.38 -4.66 -2.69
CA HIS A 184 3.26 -4.55 -4.14
C HIS A 184 2.82 -5.87 -4.76
N VAL A 185 3.44 -6.97 -4.32
CA VAL A 185 3.09 -8.30 -4.78
C VAL A 185 1.60 -8.55 -4.60
N HIS A 186 1.08 -8.26 -3.39
CA HIS A 186 -0.35 -8.46 -3.13
C HIS A 186 -1.19 -7.76 -4.19
N ILE A 187 -0.84 -6.49 -4.47
CA ILE A 187 -1.66 -5.66 -5.37
C ILE A 187 -1.60 -6.18 -6.79
N ILE A 188 -0.39 -6.50 -7.28
CA ILE A 188 -0.31 -7.06 -8.63
C ILE A 188 -1.17 -8.32 -8.73
N ALA A 189 -1.07 -9.20 -7.72
CA ALA A 189 -1.79 -10.47 -7.71
C ALA A 189 -3.30 -10.28 -7.75
N LEU A 190 -3.84 -9.51 -6.80
CA LEU A 190 -5.29 -9.27 -6.76
C LEU A 190 -5.79 -8.59 -8.03
N SER A 191 -5.07 -7.59 -8.53
CA SER A 191 -5.53 -6.89 -9.72
C SER A 191 -5.55 -7.81 -10.94
N ASP A 192 -4.51 -8.62 -11.13
CA ASP A 192 -4.52 -9.60 -12.21
C ASP A 192 -5.62 -10.62 -11.99
N ALA A 193 -5.73 -11.13 -10.75
CA ALA A 193 -6.65 -12.22 -10.46
C ALA A 193 -8.08 -11.84 -10.74
N LEU A 194 -8.46 -10.63 -10.38
CA LEU A 194 -9.83 -10.19 -10.60
C LEU A 194 -9.98 -9.41 -11.89
N GLY A 195 -8.86 -8.97 -12.47
CA GLY A 195 -8.88 -8.15 -13.67
C GLY A 195 -9.50 -6.78 -13.46
N VAL A 196 -9.21 -6.12 -12.35
CA VAL A 196 -9.70 -4.74 -12.19
C VAL A 196 -8.49 -3.82 -12.03
N PRO A 197 -8.45 -2.68 -12.71
CA PRO A 197 -7.28 -1.81 -12.66
C PRO A 197 -7.27 -0.90 -11.44
N ILE A 198 -6.07 -0.52 -11.01
CA ILE A 198 -5.93 0.31 -9.82
C ILE A 198 -4.95 1.43 -10.13
N ARG A 199 -5.29 2.65 -9.73
CA ARG A 199 -4.36 3.75 -9.75
C ARG A 199 -4.01 4.07 -8.31
N VAL A 200 -2.71 4.07 -8.01
CA VAL A 200 -2.22 4.41 -6.67
C VAL A 200 -1.45 5.72 -6.81
N MET A 201 -2.03 6.79 -6.24
CA MET A 201 -1.34 8.07 -6.16
C MET A 201 -0.40 8.03 -4.98
N TYR A 202 0.87 8.31 -5.21
CA TYR A 202 1.89 8.23 -4.18
C TYR A 202 2.17 9.62 -3.63
N LEU A 203 1.80 9.84 -2.38
CA LEU A 203 1.94 11.14 -1.70
C LEU A 203 3.03 11.04 -0.62
N ASP A 204 4.28 11.40 -0.99
CA ASP A 204 5.41 11.48 -0.07
C ASP A 204 6.19 12.78 -0.32
N ARG A 205 7.34 12.97 0.35
CA ARG A 205 8.05 14.24 0.26
C ARG A 205 9.11 14.29 -0.85
N SER A 206 9.18 13.27 -1.69
CA SER A 206 10.19 13.22 -2.74
C SER A 206 10.00 14.35 -3.73
N SER A 207 11.13 14.89 -4.20
CA SER A 207 11.13 16.04 -5.10
C SER A 207 12.56 16.06 -5.65
N CYS A 208 12.76 15.38 -6.77
CA CYS A 208 14.08 15.32 -7.41
C CYS A 208 14.38 16.59 -8.18
N ASP A 209 13.35 17.29 -8.64
CA ASP A 209 13.47 18.46 -9.51
C ASP A 209 12.93 19.67 -8.73
N ALA A 210 13.84 20.36 -8.04
CA ALA A 210 13.47 21.42 -7.12
C ALA A 210 12.62 22.48 -7.81
N GLY A 211 11.50 22.84 -7.18
CA GLY A 211 10.62 23.83 -7.76
C GLY A 211 9.72 23.34 -8.89
N ASN A 212 9.85 22.08 -9.32
CA ASN A 212 8.93 21.50 -10.30
C ASN A 212 8.38 20.21 -9.70
N ILE A 213 7.20 20.31 -9.12
CA ILE A 213 6.66 19.25 -8.30
C ILE A 213 5.50 18.60 -9.04
N SER A 214 5.46 17.26 -8.98
CA SER A 214 4.35 16.48 -9.49
C SER A 214 4.04 15.41 -8.48
N VAL A 215 2.82 14.89 -8.55
CA VAL A 215 2.44 13.70 -7.78
C VAL A 215 2.56 12.51 -8.72
N ASN A 216 3.35 11.54 -8.34
CA ASN A 216 3.44 10.41 -9.24
C ASN A 216 2.46 9.32 -8.81
N HIS A 217 2.32 8.33 -9.68
CA HIS A 217 1.29 7.32 -9.54
C HIS A 217 1.81 6.07 -10.19
N HIS A 218 1.36 4.94 -9.66
CA HIS A 218 1.64 3.65 -10.24
C HIS A 218 0.33 3.02 -10.67
N ASP A 219 0.30 2.52 -11.90
CA ASP A 219 -0.88 1.91 -12.48
C ASP A 219 -0.77 0.39 -12.41
N PHE A 220 -1.86 -0.25 -12.02
CA PHE A 220 -1.99 -1.69 -12.12
C PHE A 220 -3.07 -1.96 -13.15
N SER A 221 -2.69 -2.59 -14.26
CA SER A 221 -3.58 -2.76 -15.40
C SER A 221 -3.34 -4.10 -16.06
N PRO A 222 -4.22 -5.09 -15.84
CA PRO A 222 -4.18 -6.37 -16.55
C PRO A 222 -4.63 -6.24 -18.01
N GLU A 234 -8.38 4.39 -20.68
CA GLU A 234 -9.22 3.68 -19.72
C GLU A 234 -8.70 3.89 -18.29
N LYS A 235 -8.97 5.09 -17.76
CA LYS A 235 -8.42 5.49 -16.48
C LYS A 235 -8.93 4.57 -15.35
N PRO A 236 -8.03 3.94 -14.55
CA PRO A 236 -8.47 3.08 -13.44
C PRO A 236 -9.63 3.66 -12.65
N TYR A 237 -10.76 2.92 -12.55
CA TYR A 237 -11.87 3.45 -11.77
C TYR A 237 -11.72 3.17 -10.28
N ILE A 238 -10.72 2.38 -9.88
CA ILE A 238 -10.26 2.34 -8.50
C ILE A 238 -9.05 3.25 -8.41
N THR A 239 -9.16 4.30 -7.60
CA THR A 239 -8.04 5.18 -7.33
C THR A 239 -7.86 5.28 -5.83
N LEU A 240 -6.66 4.94 -5.35
CA LEU A 240 -6.32 5.00 -3.94
C LEU A 240 -5.25 6.07 -3.70
N LEU A 241 -5.43 6.80 -2.60
CA LEU A 241 -4.36 7.60 -2.03
C LEU A 241 -3.43 6.69 -1.22
N TYR A 242 -2.12 6.83 -1.44
CA TYR A 242 -1.13 6.15 -0.63
C TYR A 242 -0.15 7.14 -0.04
N ARG A 243 0.01 7.07 1.27
CA ARG A 243 1.10 7.76 1.93
C ARG A 243 1.92 6.69 2.62
N PRO A 244 3.28 6.66 2.45
CA PRO A 244 4.07 5.54 2.97
C PRO A 244 3.50 4.94 4.24
N GLY A 245 2.87 3.78 4.01
CA GLY A 245 2.29 2.98 5.06
C GLY A 245 0.79 2.81 5.02
N HIS A 246 0.03 3.49 4.14
CA HIS A 246 -1.42 3.56 4.33
C HIS A 246 -2.21 4.03 3.10
N TYR A 247 -3.32 3.33 2.84
CA TYR A 247 -4.22 3.61 1.72
C TYR A 247 -5.55 4.21 2.19
N ASP A 248 -5.97 5.29 1.52
CA ASP A 248 -7.36 5.78 1.52
C ASP A 248 -7.88 5.74 0.08
N ILE A 249 -9.13 6.13 -0.12
CA ILE A 249 -9.81 6.11 -1.43
C ILE A 249 -9.90 7.53 -2.01
N LEU A 250 -9.60 7.67 -3.31
CA LEU A 250 -9.69 8.96 -3.96
C LEU A 250 -10.89 8.98 -4.92
N TYR A 251 -11.47 10.16 -5.09
CA TYR A 251 -12.57 10.38 -6.05
C TYR A 251 -12.16 11.41 -7.09
N PRO A 252 -12.09 11.05 -8.37
CA PRO A 252 -11.64 11.99 -9.39
C PRO A 252 -12.75 12.95 -9.82
N LYS A 253 -12.33 14.02 -10.49
CA LYS A 253 -13.26 15.07 -10.92
C LYS A 253 -14.04 14.68 -12.17
N MET B 1 29.57 -1.01 -16.90
CA MET B 1 29.04 -2.36 -17.03
C MET B 1 27.54 -2.29 -16.97
N GLN B 2 26.87 -3.13 -17.74
CA GLN B 2 25.43 -3.20 -17.70
C GLN B 2 24.98 -4.08 -16.54
N ILE B 3 23.79 -3.77 -16.02
CA ILE B 3 23.03 -4.68 -15.15
C ILE B 3 21.55 -4.59 -15.51
N PHE B 4 20.78 -5.60 -15.12
CA PHE B 4 19.37 -5.66 -15.46
C PHE B 4 18.53 -5.66 -14.18
N VAL B 5 17.37 -4.99 -14.21
CA VAL B 5 16.40 -4.97 -13.11
C VAL B 5 15.04 -5.44 -13.63
N LYS B 6 14.53 -6.53 -13.08
CA LYS B 6 13.24 -7.07 -13.48
C LYS B 6 12.12 -6.51 -12.59
N THR B 7 10.99 -6.17 -13.21
CA THR B 7 9.88 -5.53 -12.53
C THR B 7 8.67 -6.46 -12.49
N LEU B 8 7.78 -6.23 -11.51
CA LEU B 8 6.70 -7.16 -11.22
C LEU B 8 5.66 -7.28 -12.34
N THR B 9 5.79 -6.50 -13.40
CA THR B 9 5.04 -6.72 -14.63
C THR B 9 5.88 -7.32 -15.76
N GLY B 10 7.08 -7.81 -15.45
CA GLY B 10 7.89 -8.48 -16.44
C GLY B 10 8.78 -7.59 -17.28
N LYS B 11 8.72 -6.28 -17.12
CA LYS B 11 9.67 -5.42 -17.79
C LYS B 11 11.08 -5.79 -17.38
N THR B 12 12.07 -5.48 -18.22
CA THR B 12 13.47 -5.59 -17.87
C THR B 12 14.16 -4.28 -18.18
N ILE B 13 14.66 -3.62 -17.14
CA ILE B 13 15.33 -2.33 -17.22
C ILE B 13 16.82 -2.59 -17.33
N THR B 14 17.47 -2.02 -18.34
CA THR B 14 18.91 -2.14 -18.48
C THR B 14 19.58 -0.87 -17.99
N LEU B 15 20.56 -1.03 -17.11
CA LEU B 15 21.27 0.09 -16.51
C LEU B 15 22.74 0.02 -16.87
N GLU B 16 23.33 1.21 -17.02
CA GLU B 16 24.78 1.38 -17.07
C GLU B 16 25.25 1.72 -15.66
N VAL B 17 26.08 0.89 -15.07
CA VAL B 17 26.53 1.13 -13.71
C VAL B 17 28.01 0.82 -13.59
N GLU B 18 28.60 1.23 -12.47
CA GLU B 18 29.96 0.89 -12.12
C GLU B 18 29.97 0.12 -10.80
N PRO B 19 30.86 -0.87 -10.64
CA PRO B 19 30.83 -1.70 -9.43
C PRO B 19 30.86 -0.90 -8.13
N SER B 20 31.43 0.30 -8.14
CA SER B 20 31.53 1.16 -6.95
C SER B 20 30.29 2.01 -6.72
N ASP B 21 29.29 1.97 -7.60
CA ASP B 21 28.09 2.76 -7.36
C ASP B 21 27.37 2.27 -6.13
N THR B 22 26.71 3.20 -5.45
CA THR B 22 25.83 2.87 -4.34
C THR B 22 24.44 2.48 -4.86
N ILE B 23 23.66 1.85 -3.98
CA ILE B 23 22.29 1.48 -4.30
C ILE B 23 21.49 2.73 -4.60
N GLU B 24 21.77 3.84 -3.90
CA GLU B 24 21.08 5.09 -4.20
C GLU B 24 21.43 5.60 -5.59
N ASN B 25 22.68 5.42 -6.04
CA ASN B 25 23.00 5.79 -7.42
C ASN B 25 22.20 4.95 -8.41
N VAL B 26 22.06 3.67 -8.13
CA VAL B 26 21.30 2.81 -9.03
C VAL B 26 19.83 3.22 -9.05
N LYS B 27 19.29 3.56 -7.89
CA LYS B 27 17.89 3.96 -7.84
C LYS B 27 17.70 5.26 -8.62
N ALA B 28 18.71 6.15 -8.60
CA ALA B 28 18.66 7.37 -9.40
C ALA B 28 18.65 7.07 -10.89
N LYS B 29 19.46 6.10 -11.31
CA LYS B 29 19.44 5.68 -12.71
C LYS B 29 18.09 5.06 -13.06
N ILE B 30 17.48 4.34 -12.13
CA ILE B 30 16.16 3.76 -12.40
C ILE B 30 15.10 4.84 -12.46
N GLN B 31 15.25 5.89 -11.67
CA GLN B 31 14.30 6.99 -11.71
C GLN B 31 14.34 7.66 -13.07
N ASP B 32 15.56 7.91 -13.57
CA ASP B 32 15.72 8.51 -14.90
C ASP B 32 15.06 7.65 -15.97
N LYS B 33 15.28 6.34 -15.93
CA LYS B 33 14.64 5.47 -16.93
C LYS B 33 13.12 5.41 -16.75
N GLU B 34 12.65 5.16 -15.54
CA GLU B 34 11.26 4.77 -15.30
C GLU B 34 10.38 5.85 -14.68
N GLY B 35 10.96 6.88 -14.04
CA GLY B 35 10.16 7.91 -13.42
C GLY B 35 9.69 7.57 -12.01
N ILE B 36 10.29 6.55 -11.40
CA ILE B 36 9.98 6.17 -10.03
C ILE B 36 10.96 6.89 -9.11
N PRO B 37 10.50 7.75 -8.21
CA PRO B 37 11.40 8.38 -7.21
C PRO B 37 12.19 7.34 -6.42
N PRO B 38 13.46 7.62 -6.12
CA PRO B 38 14.29 6.59 -5.46
C PRO B 38 13.74 6.13 -4.12
N ASP B 39 13.12 7.06 -3.36
CA ASP B 39 12.50 6.68 -2.09
C ASP B 39 11.36 5.69 -2.25
N GLN B 40 10.91 5.41 -3.46
CA GLN B 40 9.80 4.50 -3.66
C GLN B 40 10.25 3.13 -4.12
N GLN B 41 11.55 2.89 -4.27
CA GLN B 41 12.00 1.61 -4.79
C GLN B 41 12.60 0.73 -3.70
N ARG B 42 12.54 -0.57 -3.97
CA ARG B 42 13.19 -1.59 -3.16
C ARG B 42 13.90 -2.49 -4.17
N LEU B 43 15.23 -2.48 -4.15
CA LEU B 43 16.01 -3.34 -5.02
C LEU B 43 16.40 -4.60 -4.28
N ILE B 44 16.45 -5.71 -5.01
CA ILE B 44 16.64 -7.03 -4.47
C ILE B 44 17.71 -7.72 -5.28
N PHE B 45 18.60 -8.44 -4.59
CA PHE B 45 19.52 -9.33 -5.27
C PHE B 45 19.73 -10.57 -4.41
N ALA B 46 19.61 -11.75 -5.02
CA ALA B 46 19.93 -12.99 -4.34
C ALA B 46 19.11 -13.15 -3.07
N GLY B 47 17.84 -12.74 -3.13
CA GLY B 47 16.96 -12.84 -1.99
C GLY B 47 17.19 -11.83 -0.89
N LYS B 48 18.10 -10.87 -1.09
CA LYS B 48 18.41 -9.83 -0.11
C LYS B 48 18.03 -8.46 -0.65
N GLN B 49 17.52 -7.61 0.22
CA GLN B 49 17.30 -6.23 -0.14
C GLN B 49 18.61 -5.45 -0.02
N LEU B 50 18.72 -4.41 -0.84
CA LEU B 50 19.95 -3.65 -0.99
C LEU B 50 19.83 -2.32 -0.26
N GLU B 51 20.79 -2.05 0.61
CA GLU B 51 20.74 -0.88 1.48
C GLU B 51 21.48 0.30 0.85
N ASP B 52 20.97 1.50 1.15
CA ASP B 52 21.29 2.70 0.39
C ASP B 52 22.76 3.08 0.45
N GLY B 53 23.43 2.90 1.58
CA GLY B 53 24.83 3.30 1.58
C GLY B 53 25.82 2.25 1.16
N ARG B 54 25.37 1.13 0.59
CA ARG B 54 26.25 0.05 0.16
C ARG B 54 26.37 0.05 -1.36
N THR B 55 27.38 -0.67 -1.86
CA THR B 55 27.74 -0.64 -3.27
C THR B 55 27.33 -1.93 -3.96
N LEU B 56 27.31 -1.88 -5.29
CA LEU B 56 27.09 -3.11 -6.05
C LEU B 56 28.13 -4.15 -5.67
N SER B 57 29.40 -3.75 -5.56
CA SER B 57 30.43 -4.65 -5.06
C SER B 57 30.01 -5.33 -3.77
N ASP B 58 29.57 -4.56 -2.77
CA ASP B 58 29.24 -5.13 -1.45
C ASP B 58 28.29 -6.32 -1.56
N TYR B 59 27.42 -6.37 -2.56
CA TYR B 59 26.53 -7.51 -2.71
C TYR B 59 27.00 -8.50 -3.77
N ASN B 60 28.27 -8.40 -4.19
CA ASN B 60 28.88 -9.29 -5.19
C ASN B 60 28.28 -9.11 -6.56
N ILE B 61 27.65 -7.96 -6.81
CA ILE B 61 26.95 -7.71 -8.06
C ILE B 61 28.00 -7.39 -9.13
N GLN B 62 28.02 -8.21 -10.16
CA GLN B 62 29.04 -8.09 -11.20
C GLN B 62 28.37 -7.82 -12.54
N LYS B 63 29.16 -7.93 -13.60
CA LYS B 63 28.66 -7.66 -14.93
C LYS B 63 27.43 -8.51 -15.23
N GLU B 64 26.35 -7.85 -15.63
CA GLU B 64 25.12 -8.52 -16.11
C GLU B 64 24.44 -9.35 -15.03
N SER B 65 24.62 -8.95 -13.77
CA SER B 65 23.80 -9.48 -12.70
C SER B 65 22.38 -8.92 -12.81
N THR B 66 21.39 -9.76 -12.50
CA THR B 66 19.98 -9.37 -12.57
C THR B 66 19.45 -9.08 -11.16
N LEU B 67 18.98 -7.86 -10.94
CA LEU B 67 18.29 -7.45 -9.73
C LEU B 67 16.78 -7.45 -9.94
N HIS B 68 16.05 -7.19 -8.86
CA HIS B 68 14.61 -7.16 -8.93
C HIS B 68 14.06 -5.92 -8.24
N LEU B 69 13.04 -5.30 -8.85
CA LEU B 69 12.50 -4.03 -8.39
C LEU B 69 11.08 -4.21 -7.88
N VAL B 70 10.87 -3.90 -6.59
CA VAL B 70 9.54 -3.84 -5.99
C VAL B 70 9.29 -2.39 -5.54
N LEU B 71 8.04 -1.93 -5.66
CA LEU B 71 7.72 -0.59 -5.18
C LEU B 71 7.37 -0.61 -3.69
N ARG B 72 7.67 0.49 -3.02
CA ARG B 72 7.38 0.60 -1.60
C ARG B 72 5.91 0.91 -1.46
N LEU B 73 5.10 -0.14 -1.30
CA LEU B 73 3.65 -0.02 -1.32
C LEU B 73 3.02 -0.78 -0.18
N ARG B 74 3.68 -0.81 0.96
CA ARG B 74 3.17 -1.60 2.07
C ARG B 74 2.17 -0.78 2.87
N GLY B 75 1.07 -1.42 3.24
CA GLY B 75 0.06 -0.84 4.10
C GLY B 75 -0.86 -1.97 4.52
N MET B 77 -1.14 0.82 8.02
CA MET B 77 -0.77 1.11 9.43
C MET B 77 -0.76 2.61 9.73
N GLN B 78 -1.63 3.02 10.65
CA GLN B 78 -1.62 4.36 11.21
C GLN B 78 -1.36 4.26 12.71
N ILE B 79 -0.63 5.22 13.23
CA ILE B 79 -0.49 5.35 14.67
C ILE B 79 -0.85 6.78 15.03
N PHE B 80 -1.22 6.98 16.28
CA PHE B 80 -1.47 8.30 16.80
C PHE B 80 -0.21 8.85 17.42
N VAL B 81 -0.10 10.17 17.44
CA VAL B 81 0.93 10.89 18.19
C VAL B 81 0.23 12.03 18.91
N LYS B 82 0.24 12.01 20.24
CA LYS B 82 -0.34 13.08 21.05
C LYS B 82 0.79 14.00 21.54
N THR B 83 0.66 15.29 21.27
CA THR B 83 1.61 16.21 21.86
C THR B 83 1.18 16.55 23.29
N LEU B 84 2.04 17.27 24.01
CA LEU B 84 1.66 17.67 25.36
C LEU B 84 0.74 18.88 25.38
N THR B 85 0.37 19.40 24.20
CA THR B 85 -0.61 20.45 24.05
C THR B 85 -1.99 19.92 23.66
N GLY B 86 -2.23 18.63 23.87
CA GLY B 86 -3.53 18.03 23.62
C GLY B 86 -3.88 17.82 22.16
N LYS B 87 -3.12 18.40 21.24
CA LYS B 87 -3.27 18.06 19.84
C LYS B 87 -2.94 16.58 19.63
N THR B 88 -3.85 15.83 19.02
CA THR B 88 -3.52 14.50 18.55
C THR B 88 -3.49 14.51 17.03
N ILE B 89 -2.47 13.89 16.45
CA ILE B 89 -2.42 13.73 15.01
C ILE B 89 -2.28 12.25 14.66
N THR B 90 -2.63 11.93 13.43
CA THR B 90 -2.42 10.59 12.91
C THR B 90 -1.19 10.58 12.02
N LEU B 91 -0.51 9.44 11.99
CA LEU B 91 0.71 9.23 11.21
C LEU B 91 0.58 7.95 10.43
N GLU B 92 0.99 8.01 9.15
CA GLU B 92 1.12 6.84 8.30
C GLU B 92 2.53 6.26 8.49
N VAL B 93 2.61 4.96 8.79
CA VAL B 93 3.86 4.36 9.25
C VAL B 93 3.97 2.94 8.68
N GLU B 94 5.16 2.36 8.85
CA GLU B 94 5.37 0.93 8.61
C GLU B 94 6.21 0.35 9.75
N PRO B 95 6.07 -0.95 10.05
CA PRO B 95 6.83 -1.53 11.17
C PRO B 95 8.33 -1.40 10.98
N SER B 96 8.79 -1.23 9.75
CA SER B 96 10.21 -1.08 9.49
C SER B 96 10.73 0.35 9.70
N ASP B 97 9.87 1.34 10.00
CA ASP B 97 10.33 2.72 10.15
C ASP B 97 11.26 2.85 11.36
N THR B 98 12.35 3.56 11.19
CA THR B 98 13.10 3.92 12.38
C THR B 98 12.34 5.04 13.09
N ILE B 99 12.59 5.15 14.40
CA ILE B 99 12.04 6.29 15.17
C ILE B 99 12.44 7.59 14.53
N GLU B 100 13.61 7.62 13.90
CA GLU B 100 14.02 8.77 13.09
C GLU B 100 13.05 9.04 11.93
N ASN B 101 12.73 8.00 11.15
CA ASN B 101 11.73 8.17 10.09
C ASN B 101 10.43 8.72 10.65
N VAL B 102 10.04 8.22 11.83
CA VAL B 102 8.80 8.66 12.44
C VAL B 102 8.89 10.15 12.76
N LYS B 103 10.04 10.61 13.25
CA LYS B 103 10.16 12.03 13.54
C LYS B 103 10.13 12.87 12.28
N ALA B 104 10.70 12.36 11.18
CA ALA B 104 10.61 13.07 9.89
C ALA B 104 9.17 13.14 9.37
N LYS B 105 8.35 12.14 9.66
CA LYS B 105 6.93 12.23 9.32
C LYS B 105 6.22 13.27 10.19
N ILE B 106 6.55 13.30 11.48
CA ILE B 106 5.94 14.32 12.35
C ILE B 106 6.31 15.70 11.84
N GLN B 107 7.54 15.88 11.35
CA GLN B 107 7.89 17.16 10.72
C GLN B 107 7.05 17.42 9.46
N ASP B 108 6.80 16.37 8.66
CA ASP B 108 5.94 16.51 7.47
C ASP B 108 4.58 17.09 7.81
N LYS B 109 4.02 16.68 8.94
CA LYS B 109 2.68 17.17 9.28
C LYS B 109 2.71 18.44 10.13
N GLU B 110 3.57 18.54 11.11
CA GLU B 110 3.54 19.63 12.06
C GLU B 110 4.74 20.57 11.99
N GLY B 111 5.72 20.29 11.12
CA GLY B 111 6.80 21.24 10.99
C GLY B 111 7.73 21.30 12.16
N ILE B 112 7.62 20.35 13.07
CA ILE B 112 8.42 20.29 14.29
C ILE B 112 9.81 19.79 13.92
N PRO B 113 10.86 20.54 14.23
CA PRO B 113 12.23 20.10 13.88
C PRO B 113 12.53 18.75 14.50
N PRO B 114 12.87 17.75 13.69
CA PRO B 114 13.22 16.44 14.27
C PRO B 114 14.31 16.49 15.34
N ASP B 115 15.21 17.48 15.32
CA ASP B 115 16.22 17.59 16.37
C ASP B 115 15.62 17.92 17.73
N GLN B 116 14.42 18.51 17.74
CA GLN B 116 13.72 18.90 18.95
C GLN B 116 12.83 17.79 19.52
N GLN B 117 12.62 16.70 18.79
CA GLN B 117 11.60 15.70 19.12
C GLN B 117 12.10 14.58 20.02
N ARG B 118 11.24 14.16 20.94
CA ARG B 118 11.44 12.98 21.77
C ARG B 118 10.12 12.24 21.80
N LEU B 119 10.15 10.96 21.49
CA LEU B 119 8.94 10.18 21.42
C LEU B 119 8.90 9.19 22.59
N ILE B 120 7.85 9.30 23.42
CA ILE B 120 7.65 8.45 24.60
C ILE B 120 6.59 7.41 24.25
N PHE B 121 6.90 6.15 24.51
CA PHE B 121 5.91 5.08 24.51
C PHE B 121 6.20 4.12 25.64
N ALA B 122 5.18 3.82 26.43
CA ALA B 122 5.31 2.81 27.47
C ALA B 122 6.40 3.21 28.45
N GLY B 123 6.38 4.47 28.87
CA GLY B 123 7.24 4.96 29.93
C GLY B 123 8.69 5.18 29.58
N LYS B 124 9.11 4.88 28.35
CA LYS B 124 10.51 5.06 27.95
C LYS B 124 10.63 6.00 26.74
N GLN B 125 11.84 6.53 26.57
CA GLN B 125 12.19 7.30 25.37
C GLN B 125 12.51 6.34 24.22
N LEU B 126 11.96 6.60 23.06
CA LEU B 126 12.15 5.70 21.92
C LEU B 126 13.40 6.09 21.12
N GLU B 127 14.25 5.12 20.83
CA GLU B 127 15.60 5.40 20.36
C GLU B 127 15.64 5.50 18.84
N ASP B 128 16.46 6.45 18.34
CA ASP B 128 16.36 6.91 16.96
C ASP B 128 16.56 5.81 15.94
N GLY B 129 17.44 4.83 16.21
CA GLY B 129 17.80 3.80 15.24
C GLY B 129 17.12 2.47 15.40
N ARG B 130 16.22 2.32 16.37
CA ARG B 130 15.34 1.17 16.39
C ARG B 130 14.04 1.45 15.62
N THR B 131 13.32 0.37 15.35
CA THR B 131 12.12 0.46 14.57
C THR B 131 10.85 0.41 15.42
N LEU B 132 9.73 0.71 14.76
CA LEU B 132 8.43 0.45 15.37
C LEU B 132 8.24 -1.04 15.65
N SER B 133 8.80 -1.91 14.80
CA SER B 133 8.72 -3.33 15.06
C SER B 133 9.64 -3.79 16.18
N ASP B 134 10.78 -3.11 16.37
CA ASP B 134 11.60 -3.37 17.56
C ASP B 134 10.81 -3.16 18.85
N TYR B 135 9.93 -2.17 18.87
CA TYR B 135 9.13 -1.90 20.05
C TYR B 135 7.82 -2.66 20.08
N ASN B 136 7.49 -3.40 19.01
CA ASN B 136 6.17 -4.05 18.90
C ASN B 136 5.07 -3.02 19.07
N ILE B 137 5.25 -1.86 18.43
CA ILE B 137 4.24 -0.80 18.39
C ILE B 137 3.37 -1.06 17.16
N GLN B 138 2.12 -1.41 17.37
CA GLN B 138 1.26 -1.64 16.21
C GLN B 138 0.20 -0.53 16.05
N LYS B 139 -0.71 -0.76 15.09
CA LYS B 139 -1.65 0.26 14.64
C LYS B 139 -2.47 0.81 15.81
N GLU B 140 -2.67 2.11 15.77
CA GLU B 140 -3.55 2.83 16.67
C GLU B 140 -2.99 2.94 18.08
N SER B 141 -1.72 2.58 18.29
CA SER B 141 -1.00 2.98 19.49
C SER B 141 -0.90 4.50 19.53
N THR B 142 -0.63 5.05 20.71
CA THR B 142 -0.44 6.49 20.82
C THR B 142 0.97 6.78 21.33
N LEU B 143 1.83 7.27 20.45
CA LEU B 143 3.10 7.80 20.93
C LEU B 143 2.91 9.20 21.46
N HIS B 144 3.83 9.62 22.33
CA HIS B 144 3.69 10.88 23.03
C HIS B 144 4.88 11.76 22.69
N LEU B 145 4.61 12.89 22.08
CA LEU B 145 5.67 13.77 21.64
C LEU B 145 6.04 14.75 22.75
N VAL B 146 7.33 14.99 22.89
CA VAL B 146 7.89 15.87 23.89
C VAL B 146 9.03 16.63 23.22
N LEU B 147 9.23 17.90 23.57
CA LEU B 147 10.24 18.69 22.89
C LEU B 147 11.36 19.08 23.85
N ARG B 148 12.60 19.05 23.35
CA ARG B 148 13.75 19.63 24.04
C ARG B 148 14.63 20.35 23.03
N LEU B 149 15.19 21.49 23.45
CA LEU B 149 16.06 22.30 22.60
C LEU B 149 17.51 21.89 22.84
N ARG B 150 18.44 22.83 22.70
CA ARG B 150 19.81 22.63 23.20
C ARG B 150 20.43 23.98 23.54
#